data_8TBB
#
_entry.id   8TBB
#
_cell.length_a   72.805
_cell.length_b   57.005
_cell.length_c   80.453
_cell.angle_alpha   90.000
_cell.angle_beta   106.000
_cell.angle_gamma   90.000
#
_symmetry.space_group_name_H-M   'P 1 21 1'
#
loop_
_entity.id
_entity.type
_entity.pdbx_description
1 polymer 'T-cell immunoglobulin mucin receptor 3'
2 polymer 'F9S Fab heavy chain'
3 polymer 'F9S Fab light chain'
4 non-polymer 2-acetamido-2-deoxy-beta-D-glucopyranose
5 water water
#
loop_
_entity_poly.entity_id
_entity_poly.type
_entity_poly.pdbx_seq_one_letter_code
_entity_poly.pdbx_strand_id
1 'polypeptide(L)'
;SEVEYRAEVGQNAYLPCFYTPAAPGNLVPVCWGKGACPVFECGNVVLRTDERDVNYWTSRYWLNGDFRKGDVSLTIENVT
LADSGIYCCRIQIPGIMNDEKFNLKLVIKP
;
D
2 'polypeptide(L)'
;EVQLLESGGGLVQPGGSLRLSCAASGFTFSSYHMSWVRQAPGKGLEWVSAISGSGRSYYYKDSFFGRFTISRDNSKNTLY
LQMNSLRAEDTAVYYCATSWETARILPGAFDIWGRGTLVTVSSASTKGPSVFPLAPSSKSTSGGTAALGCLVKDYFPEPV
TVSWNSGALTSGVHTFPAVLQSSGLYSLSSVVTVPSSSLGTQTYICNVNHKPSNTKVDKRVEPKSC
;
H
3 'polypeptide(L)'
;DIQLTQSPSFLSASVGDRVTITCRTSQDTNSYLAWYQQKPGKAPKLLIYAASVLLSGVPSRFSGSGSGTEFTLTISSLQP
EDFATYYCQQLASSPITFGQGTRLEIKRTVAAPSVFIFPPSDEQLKSGTASVVCLLNNFYPREAKVQWKVDNALQSGNSQ
ESVTEQDSKDSTYSLSSTLTLSKADYEKHKVYACEVTHQGLSSPVTKSFNRGEC
;
L
#
# COMPACT_ATOMS: atom_id res chain seq x y z
N GLU A 2 -30.98 16.02 14.58
CA GLU A 2 -31.41 17.21 15.35
C GLU A 2 -32.47 16.81 16.36
N VAL A 3 -33.68 16.52 15.86
CA VAL A 3 -34.80 16.18 16.70
C VAL A 3 -34.29 15.46 17.95
N GLU A 4 -34.21 16.20 19.06
CA GLU A 4 -33.80 15.64 20.34
C GLU A 4 -34.79 14.56 20.75
N TYR A 5 -34.25 13.38 21.09
CA TYR A 5 -34.95 12.43 21.95
C TYR A 5 -34.39 12.55 23.36
N ARG A 6 -35.29 12.47 24.35
CA ARG A 6 -34.96 12.81 25.72
C ARG A 6 -35.24 11.62 26.62
N ALA A 7 -34.52 11.56 27.75
CA ALA A 7 -34.90 10.73 28.87
C ALA A 7 -34.19 11.22 30.12
N GLU A 8 -34.83 11.04 31.28
CA GLU A 8 -34.20 11.29 32.57
C GLU A 8 -33.21 10.18 32.87
N VAL A 9 -32.15 10.52 33.61
CA VAL A 9 -31.23 9.52 34.15
C VAL A 9 -32.05 8.43 34.83
N GLY A 10 -31.67 7.18 34.57
CA GLY A 10 -32.25 6.04 35.27
C GLY A 10 -33.46 5.47 34.55
N GLN A 11 -34.03 6.26 33.63
CA GLN A 11 -35.11 5.79 32.77
C GLN A 11 -34.51 4.88 31.69
N ASN A 12 -35.38 4.12 31.03
CA ASN A 12 -35.09 3.57 29.71
C ASN A 12 -35.31 4.66 28.67
N ALA A 13 -34.42 4.71 27.68
CA ALA A 13 -34.57 5.60 26.54
C ALA A 13 -35.19 4.83 25.38
N TYR A 14 -35.92 5.55 24.52
CA TYR A 14 -36.47 4.98 23.29
C TYR A 14 -35.94 5.79 22.11
N LEU A 15 -35.36 5.09 21.13
CA LEU A 15 -34.98 5.69 19.87
C LEU A 15 -35.72 4.99 18.73
N PRO A 16 -36.54 5.73 17.94
CA PRO A 16 -37.30 5.13 16.85
C PRO A 16 -36.42 4.89 15.63
N CYS A 17 -36.57 3.71 15.03
CA CYS A 17 -35.95 3.42 13.75
C CYS A 17 -36.78 2.37 13.01
N PHE A 18 -37.26 2.74 11.83
CA PHE A 18 -38.15 1.89 11.06
C PHE A 18 -37.58 1.70 9.65
N TYR A 19 -37.81 0.52 9.08
CA TYR A 19 -37.61 0.29 7.67
C TYR A 19 -38.71 -0.63 7.16
N THR A 20 -38.81 -0.74 5.83
CA THR A 20 -39.87 -1.52 5.20
C THR A 20 -39.26 -2.76 4.54
N PRO A 21 -39.49 -3.96 5.10
CA PRO A 21 -39.13 -5.21 4.42
C PRO A 21 -39.73 -5.29 3.03
N ALA A 22 -38.88 -5.61 2.04
CA ALA A 22 -39.34 -5.89 0.70
C ALA A 22 -40.56 -6.81 0.75
N ALA A 23 -40.59 -7.69 1.75
CA ALA A 23 -41.75 -8.52 2.04
C ALA A 23 -41.68 -9.04 3.47
N PRO A 24 -42.82 -9.37 4.11
CA PRO A 24 -42.82 -9.92 5.46
C PRO A 24 -41.88 -11.10 5.61
N GLY A 25 -41.09 -11.10 6.69
CA GLY A 25 -40.10 -12.13 6.94
C GLY A 25 -39.05 -12.18 5.83
N ASN A 26 -38.91 -11.07 5.10
CA ASN A 26 -37.72 -10.82 4.31
C ASN A 26 -36.94 -9.67 4.94
N LEU A 27 -36.05 -10.01 5.87
CA LEU A 27 -35.47 -9.03 6.78
C LEU A 27 -34.14 -8.54 6.22
N VAL A 28 -33.78 -7.31 6.60
CA VAL A 28 -32.54 -6.71 6.16
C VAL A 28 -31.65 -6.50 7.39
N PRO A 29 -30.33 -6.77 7.29
CA PRO A 29 -29.40 -6.47 8.39
C PRO A 29 -29.57 -5.03 8.88
N VAL A 30 -29.63 -4.88 10.20
CA VAL A 30 -29.65 -3.57 10.83
C VAL A 30 -28.54 -3.54 11.87
N CYS A 31 -28.00 -2.35 12.15
CA CYS A 31 -27.17 -2.14 13.31
C CYS A 31 -27.49 -0.79 13.96
N TRP A 32 -27.44 -0.77 15.29
CA TRP A 32 -27.29 0.45 16.06
C TRP A 32 -25.83 0.57 16.53
N GLY A 33 -25.29 1.80 16.45
CA GLY A 33 -24.08 2.16 17.16
C GLY A 33 -24.22 3.50 17.87
N LYS A 34 -23.24 3.83 18.72
CA LYS A 34 -23.11 5.17 19.26
C LYS A 34 -22.16 5.97 18.38
N GLY A 35 -22.45 7.27 18.24
CA GLY A 35 -21.84 8.10 17.21
C GLY A 35 -22.61 8.03 15.89
N ALA A 36 -22.53 9.10 15.12
CA ALA A 36 -23.26 9.20 13.86
C ALA A 36 -22.79 8.09 12.92
N CYS A 37 -23.66 7.72 11.97
CA CYS A 37 -23.35 6.64 11.06
C CYS A 37 -22.05 6.95 10.32
N PRO A 38 -21.07 6.03 10.34
CA PRO A 38 -19.87 6.15 9.52
C PRO A 38 -20.15 5.72 8.08
N VAL A 39 -19.08 5.60 7.29
CA VAL A 39 -19.18 5.12 5.91
C VAL A 39 -19.96 3.81 5.90
N PHE A 40 -19.50 2.84 6.70
CA PHE A 40 -19.98 1.48 6.63
C PHE A 40 -20.56 1.08 7.98
N GLU A 41 -21.75 0.46 7.96
CA GLU A 41 -22.32 -0.13 9.14
C GLU A 41 -22.32 0.92 10.26
N CYS A 42 -22.06 0.47 11.49
CA CYS A 42 -22.20 1.33 12.66
C CYS A 42 -20.83 1.52 13.31
N GLY A 43 -20.58 2.74 13.81
CA GLY A 43 -19.54 2.98 14.80
C GLY A 43 -19.97 2.49 16.17
N ASN A 44 -19.02 1.87 16.90
CA ASN A 44 -19.29 1.33 18.22
C ASN A 44 -20.66 0.66 18.22
N VAL A 45 -20.77 -0.46 17.49
CA VAL A 45 -22.00 -1.23 17.45
C VAL A 45 -22.47 -1.48 18.88
N VAL A 46 -23.79 -1.35 19.10
CA VAL A 46 -24.40 -1.76 20.35
C VAL A 46 -25.35 -2.92 20.09
N LEU A 47 -25.79 -3.05 18.83
CA LEU A 47 -26.72 -4.10 18.45
C LEU A 47 -26.64 -4.32 16.93
N ARG A 48 -26.71 -5.58 16.52
CA ARG A 48 -26.58 -5.93 15.11
C ARG A 48 -27.53 -7.07 14.79
N THR A 49 -28.31 -6.92 13.71
CA THR A 49 -29.14 -8.00 13.20
C THR A 49 -28.59 -8.47 11.85
N ASP A 50 -29.00 -9.67 11.45
CA ASP A 50 -28.86 -10.12 10.08
C ASP A 50 -30.25 -10.42 9.51
N GLU A 51 -30.28 -11.21 8.43
CA GLU A 51 -31.50 -11.45 7.68
C GLU A 51 -32.45 -12.33 8.51
N ARG A 52 -31.91 -12.94 9.57
CA ARG A 52 -32.63 -13.98 10.29
C ARG A 52 -33.03 -13.47 11.68
N ASP A 53 -32.10 -12.79 12.35
CA ASP A 53 -32.28 -12.44 13.75
C ASP A 53 -31.15 -11.53 14.21
N VAL A 54 -31.17 -11.20 15.51
CA VAL A 54 -30.13 -10.40 16.13
C VAL A 54 -28.95 -11.31 16.45
N ASN A 55 -27.73 -10.85 16.11
CA ASN A 55 -26.54 -11.69 16.22
C ASN A 55 -25.53 -11.04 17.16
N TYR A 56 -25.71 -9.76 17.46
CA TYR A 56 -24.89 -9.10 18.47
C TYR A 56 -25.76 -8.15 19.28
N TRP A 57 -25.55 -8.17 20.61
CA TRP A 57 -26.18 -7.21 21.50
C TRP A 57 -25.47 -7.23 22.86
N THR A 58 -25.94 -6.37 23.76
CA THR A 58 -25.64 -6.50 25.18
C THR A 58 -26.91 -6.23 25.98
N SER A 59 -26.75 -6.09 27.30
CA SER A 59 -27.88 -6.15 28.21
C SER A 59 -28.68 -4.85 28.16
N ARG A 60 -27.98 -3.76 27.83
CA ARG A 60 -28.54 -2.42 27.98
C ARG A 60 -29.33 -2.04 26.73
N TYR A 61 -29.09 -2.76 25.64
CA TYR A 61 -29.65 -2.42 24.35
C TYR A 61 -30.46 -3.60 23.83
N TRP A 62 -31.69 -3.31 23.39
CA TRP A 62 -32.49 -4.30 22.71
C TRP A 62 -33.52 -3.62 21.80
N LEU A 63 -34.02 -4.38 20.83
CA LEU A 63 -35.09 -3.92 19.95
C LEU A 63 -36.44 -4.14 20.63
N ASN A 64 -37.19 -3.04 20.79
CA ASN A 64 -38.34 -3.02 21.68
C ASN A 64 -39.60 -3.40 20.91
N GLY A 65 -39.47 -3.54 19.59
CA GLY A 65 -40.62 -3.65 18.71
C GLY A 65 -40.55 -4.91 17.84
N ASP A 66 -41.40 -4.94 16.81
CA ASP A 66 -41.47 -6.09 15.92
C ASP A 66 -40.52 -5.86 14.74
N PHE A 67 -39.28 -6.33 14.87
CA PHE A 67 -38.23 -6.03 13.90
C PHE A 67 -38.46 -6.87 12.64
N ARG A 68 -39.37 -7.84 12.73
CA ARG A 68 -39.66 -8.71 11.60
C ARG A 68 -40.61 -8.00 10.65
N LYS A 69 -41.26 -6.95 11.14
CA LYS A 69 -42.06 -6.06 10.31
C LYS A 69 -41.26 -4.81 9.98
N GLY A 70 -40.06 -4.71 10.57
CA GLY A 70 -39.12 -3.65 10.23
C GLY A 70 -39.19 -2.48 11.20
N ASP A 71 -39.75 -2.73 12.39
CA ASP A 71 -39.60 -1.82 13.51
C ASP A 71 -38.36 -2.22 14.29
N VAL A 72 -37.27 -1.45 14.09
CA VAL A 72 -36.00 -1.76 14.73
C VAL A 72 -35.65 -0.63 15.69
N SER A 73 -36.69 -0.05 16.30
CA SER A 73 -36.52 0.97 17.33
C SER A 73 -35.85 0.37 18.55
N LEU A 74 -35.03 1.17 19.23
CA LEU A 74 -34.10 0.68 20.23
C LEU A 74 -34.53 1.17 21.62
N THR A 75 -34.34 0.31 22.62
CA THR A 75 -34.42 0.72 24.01
C THR A 75 -33.03 0.68 24.63
N ILE A 76 -32.74 1.67 25.49
CA ILE A 76 -31.52 1.68 26.26
C ILE A 76 -31.86 1.61 27.74
N GLU A 77 -31.46 0.51 28.39
CA GLU A 77 -31.67 0.31 29.81
C GLU A 77 -30.98 1.44 30.59
N ASN A 78 -31.75 2.13 31.43
CA ASN A 78 -31.22 2.81 32.61
C ASN A 78 -30.10 3.77 32.18
N VAL A 79 -30.50 4.92 31.64
CA VAL A 79 -29.56 5.82 30.99
C VAL A 79 -28.82 6.62 32.05
N THR A 80 -27.51 6.73 31.87
CA THR A 80 -26.72 7.78 32.52
C THR A 80 -26.45 8.89 31.50
N LEU A 81 -25.94 10.03 32.00
CA LEU A 81 -25.61 11.17 31.16
C LEU A 81 -24.66 10.72 30.06
N ALA A 82 -23.90 9.65 30.33
CA ALA A 82 -22.86 9.20 29.42
C ALA A 82 -23.47 8.58 28.17
N ASP A 83 -24.78 8.30 28.23
CA ASP A 83 -25.47 7.65 27.14
C ASP A 83 -26.00 8.72 26.18
N SER A 84 -25.78 9.98 26.53
CA SER A 84 -26.10 11.10 25.65
C SER A 84 -25.28 11.00 24.37
N GLY A 85 -25.93 11.29 23.24
CA GLY A 85 -25.22 11.60 22.01
C GLY A 85 -25.99 11.12 20.78
N ILE A 86 -25.29 11.04 19.65
CA ILE A 86 -25.89 10.59 18.40
C ILE A 86 -25.78 9.07 18.34
N TYR A 87 -26.92 8.42 18.10
CA TYR A 87 -26.95 7.00 17.82
C TYR A 87 -27.24 6.80 16.33
N CYS A 88 -26.48 5.90 15.71
CA CYS A 88 -26.70 5.51 14.34
C CYS A 88 -27.61 4.29 14.31
N CYS A 89 -28.68 4.38 13.52
CA CYS A 89 -29.40 3.20 13.06
C CYS A 89 -29.25 3.06 11.56
N ARG A 90 -28.72 1.91 11.13
CA ARG A 90 -28.38 1.70 9.74
C ARG A 90 -29.13 0.49 9.21
N ILE A 91 -29.95 0.71 8.18
CA ILE A 91 -30.57 -0.38 7.44
C ILE A 91 -29.69 -0.72 6.25
N GLN A 92 -29.16 -1.94 6.24
CA GLN A 92 -28.30 -2.41 5.18
C GLN A 92 -29.14 -2.98 4.06
N ILE A 93 -29.89 -2.10 3.38
CA ILE A 93 -30.70 -2.49 2.24
C ILE A 93 -29.79 -3.03 1.14
N PRO A 94 -30.14 -4.17 0.52
CA PRO A 94 -29.29 -4.80 -0.49
C PRO A 94 -29.25 -4.00 -1.78
N GLY A 95 -28.24 -4.29 -2.60
CA GLY A 95 -27.99 -3.52 -3.82
C GLY A 95 -27.00 -2.39 -3.59
N ILE A 96 -26.99 -1.43 -4.51
CA ILE A 96 -25.88 -0.52 -4.68
C ILE A 96 -26.16 0.75 -3.89
N MET A 97 -25.39 0.95 -2.81
CA MET A 97 -25.31 2.24 -2.15
C MET A 97 -26.68 2.64 -1.63
N ASN A 98 -27.36 1.68 -0.97
CA ASN A 98 -28.79 1.76 -0.74
C ASN A 98 -29.07 1.91 0.74
N ASP A 99 -28.00 1.93 1.54
CA ASP A 99 -28.13 1.93 2.99
C ASP A 99 -29.04 3.08 3.40
N GLU A 100 -29.93 2.82 4.37
CA GLU A 100 -30.66 3.87 5.04
C GLU A 100 -29.99 4.17 6.37
N LYS A 101 -29.58 5.43 6.54
CA LYS A 101 -28.82 5.85 7.71
C LYS A 101 -29.68 6.83 8.51
N PHE A 102 -29.90 6.52 9.78
CA PHE A 102 -30.62 7.40 10.67
C PHE A 102 -29.73 7.75 11.87
N ASN A 103 -29.45 9.05 12.01
CA ASN A 103 -28.81 9.56 13.22
C ASN A 103 -29.87 10.16 14.12
N LEU A 104 -29.92 9.69 15.37
CA LEU A 104 -30.88 10.18 16.34
C LEU A 104 -30.14 10.68 17.57
N LYS A 105 -30.46 11.91 17.98
CA LYS A 105 -29.77 12.56 19.09
C LYS A 105 -30.54 12.26 20.38
N LEU A 106 -29.88 11.52 21.28
CA LEU A 106 -30.39 11.33 22.62
C LEU A 106 -29.83 12.43 23.54
N VAL A 107 -30.72 13.03 24.32
CA VAL A 107 -30.31 13.99 25.34
C VAL A 107 -30.83 13.51 26.69
N ILE A 108 -29.93 13.47 27.68
CA ILE A 108 -30.24 12.91 28.98
C ILE A 108 -30.21 14.03 30.03
N LYS A 109 -31.40 14.44 30.49
CA LYS A 109 -31.53 15.30 31.65
C LYS A 109 -30.89 14.62 32.86
N GLU B 1 -3.64 -16.86 11.79
CA GLU B 1 -3.19 -15.80 10.84
C GLU B 1 -4.34 -15.45 9.90
N VAL B 2 -4.85 -14.22 10.04
CA VAL B 2 -5.82 -13.67 9.10
C VAL B 2 -5.09 -13.26 7.84
N GLN B 3 -5.53 -13.80 6.70
CA GLN B 3 -4.79 -13.70 5.46
C GLN B 3 -5.74 -13.34 4.32
N LEU B 4 -5.30 -12.41 3.46
CA LEU B 4 -5.97 -12.14 2.20
C LEU B 4 -4.96 -12.24 1.06
N LEU B 5 -5.30 -13.01 0.02
CA LEU B 5 -4.39 -13.30 -1.07
C LEU B 5 -5.09 -13.01 -2.39
N GLU B 6 -4.79 -11.84 -2.97
CA GLU B 6 -5.36 -11.46 -4.27
C GLU B 6 -4.66 -12.23 -5.38
N SER B 7 -5.42 -12.53 -6.44
CA SER B 7 -4.85 -12.84 -7.73
C SER B 7 -5.73 -12.28 -8.84
N GLY B 8 -5.31 -12.50 -10.09
CA GLY B 8 -6.07 -12.06 -11.25
C GLY B 8 -5.48 -10.81 -11.88
N GLY B 9 -4.62 -10.12 -11.12
CA GLY B 9 -3.88 -8.99 -11.64
C GLY B 9 -3.05 -9.37 -12.85
N GLY B 10 -2.80 -8.40 -13.72
CA GLY B 10 -2.12 -8.64 -14.98
C GLY B 10 -2.41 -7.55 -16.01
N LEU B 11 -1.99 -7.81 -17.25
CA LEU B 11 -2.03 -6.82 -18.31
C LEU B 11 -3.37 -6.91 -19.04
N VAL B 12 -3.94 -5.76 -19.37
CA VAL B 12 -5.23 -5.72 -20.05
C VAL B 12 -5.31 -4.45 -20.88
N GLN B 13 -5.84 -4.58 -22.10
CA GLN B 13 -5.96 -3.46 -23.02
C GLN B 13 -7.00 -2.47 -22.49
N PRO B 14 -6.83 -1.16 -22.74
CA PRO B 14 -7.85 -0.18 -22.36
C PRO B 14 -9.21 -0.55 -22.96
N GLY B 15 -10.27 -0.32 -22.19
CA GLY B 15 -11.61 -0.72 -22.60
C GLY B 15 -11.93 -2.17 -22.22
N GLY B 16 -10.89 -2.89 -21.77
CA GLY B 16 -10.99 -4.33 -21.56
C GLY B 16 -11.43 -4.66 -20.13
N SER B 17 -11.62 -5.95 -19.87
CA SER B 17 -12.20 -6.41 -18.61
C SER B 17 -11.18 -7.26 -17.86
N LEU B 18 -11.34 -7.32 -16.54
CA LEU B 18 -10.49 -8.14 -15.69
C LEU B 18 -11.23 -8.44 -14.39
N ARG B 19 -11.18 -9.71 -13.97
CA ARG B 19 -11.68 -10.11 -12.67
C ARG B 19 -10.51 -10.35 -11.72
N LEU B 20 -10.52 -9.63 -10.60
CA LEU B 20 -9.58 -9.89 -9.50
C LEU B 20 -10.24 -10.82 -8.50
N SER B 21 -9.44 -11.69 -7.88
CA SER B 21 -9.89 -12.55 -6.80
C SER B 21 -9.14 -12.20 -5.51
N CYS B 22 -9.79 -12.45 -4.38
CA CYS B 22 -9.16 -12.35 -3.07
C CYS B 22 -9.55 -13.55 -2.23
N ALA B 23 -8.56 -14.39 -1.88
CA ALA B 23 -8.80 -15.58 -1.07
C ALA B 23 -8.56 -15.23 0.40
N ALA B 24 -9.59 -15.47 1.22
CA ALA B 24 -9.54 -15.18 2.64
C ALA B 24 -9.44 -16.47 3.44
N SER B 25 -8.51 -16.50 4.39
CA SER B 25 -8.38 -17.62 5.31
C SER B 25 -8.22 -17.10 6.74
N GLY B 26 -8.55 -17.96 7.70
CA GLY B 26 -8.17 -17.74 9.09
C GLY B 26 -9.10 -16.77 9.80
N PHE B 27 -10.35 -16.72 9.32
CA PHE B 27 -11.41 -16.03 10.03
C PHE B 27 -12.74 -16.30 9.34
N THR B 28 -13.85 -15.91 9.99
CA THR B 28 -15.18 -16.18 9.48
C THR B 28 -15.54 -15.16 8.40
N PHE B 29 -15.27 -15.53 7.15
CA PHE B 29 -15.25 -14.57 6.05
C PHE B 29 -16.55 -13.78 6.04
N SER B 30 -17.67 -14.49 6.26
CA SER B 30 -18.97 -14.07 5.78
C SER B 30 -19.59 -13.06 6.74
N SER B 31 -18.81 -12.65 7.75
CA SER B 31 -19.30 -11.73 8.77
C SER B 31 -18.49 -10.44 8.74
N TYR B 32 -17.72 -10.25 7.66
CA TYR B 32 -16.81 -9.13 7.55
C TYR B 32 -17.07 -8.39 6.24
N HIS B 33 -17.33 -7.08 6.36
CA HIS B 33 -17.14 -6.15 5.26
C HIS B 33 -15.81 -6.46 4.58
N MET B 34 -15.82 -6.49 3.25
CA MET B 34 -14.61 -6.52 2.46
C MET B 34 -14.55 -5.29 1.57
N SER B 35 -13.36 -4.69 1.47
CA SER B 35 -13.12 -3.60 0.55
C SER B 35 -12.08 -3.99 -0.49
N TRP B 36 -12.12 -3.33 -1.64
CA TRP B 36 -10.94 -3.17 -2.47
C TRP B 36 -10.36 -1.78 -2.30
N VAL B 37 -9.04 -1.71 -2.20
CA VAL B 37 -8.32 -0.46 -2.21
C VAL B 37 -7.16 -0.59 -3.20
N ARG B 38 -6.83 0.51 -3.88
CA ARG B 38 -5.88 0.44 -4.97
C ARG B 38 -4.87 1.58 -4.84
N GLN B 39 -3.73 1.40 -5.52
CA GLN B 39 -2.60 2.31 -5.42
C GLN B 39 -1.82 2.25 -6.73
N ALA B 40 -1.98 3.30 -7.54
CA ALA B 40 -1.11 3.52 -8.68
C ALA B 40 0.34 3.53 -8.20
N PRO B 41 1.29 2.98 -9.00
CA PRO B 41 2.71 3.06 -8.67
C PRO B 41 3.12 4.47 -8.26
N GLY B 42 3.76 4.58 -7.09
CA GLY B 42 4.38 5.82 -6.66
C GLY B 42 3.37 6.80 -6.09
N LYS B 43 2.08 6.44 -6.20
CA LYS B 43 1.00 7.38 -5.90
C LYS B 43 0.22 6.84 -4.70
N GLY B 44 -0.93 7.47 -4.42
CA GLY B 44 -1.55 7.37 -3.11
C GLY B 44 -2.54 6.21 -3.04
N LEU B 45 -3.34 6.20 -1.97
CA LEU B 45 -4.32 5.15 -1.74
C LEU B 45 -5.70 5.63 -2.18
N GLU B 46 -6.37 4.81 -2.99
CA GLU B 46 -7.74 5.09 -3.42
C GLU B 46 -8.61 3.89 -3.09
N TRP B 47 -9.67 4.14 -2.29
CA TRP B 47 -10.68 3.13 -2.02
C TRP B 47 -11.55 2.94 -3.26
N VAL B 48 -11.93 1.70 -3.52
CA VAL B 48 -12.56 1.33 -4.79
C VAL B 48 -14.00 0.90 -4.51
N SER B 49 -14.17 -0.03 -3.58
CA SER B 49 -15.37 -0.85 -3.51
C SER B 49 -15.46 -1.56 -2.16
N ALA B 50 -16.69 -1.79 -1.69
CA ALA B 50 -16.92 -2.56 -0.49
C ALA B 50 -18.16 -3.44 -0.68
N ILE B 51 -18.31 -4.45 0.18
CA ILE B 51 -19.44 -5.35 0.13
C ILE B 51 -19.72 -5.86 1.53
N SER B 52 -21.02 -6.02 1.84
CA SER B 52 -21.46 -6.45 3.15
C SER B 52 -21.07 -7.91 3.38
N GLY B 53 -20.97 -8.31 4.65
CA GLY B 53 -20.79 -9.70 5.01
C GLY B 53 -21.62 -10.62 4.12
N SER B 54 -22.92 -10.34 4.03
CA SER B 54 -23.88 -11.21 3.37
C SER B 54 -23.61 -11.23 1.87
N GLY B 55 -23.08 -10.12 1.35
CA GLY B 55 -22.68 -10.03 -0.05
C GLY B 55 -23.81 -9.50 -0.94
N ARG B 56 -24.76 -8.80 -0.31
CA ARG B 56 -25.95 -8.34 -1.02
C ARG B 56 -25.96 -6.81 -1.06
N SER B 57 -25.04 -6.20 -0.32
CA SER B 57 -24.88 -4.75 -0.33
C SER B 57 -23.52 -4.39 -0.93
N TYR B 58 -23.55 -3.49 -1.91
CA TYR B 58 -22.36 -3.12 -2.65
C TYR B 58 -22.11 -1.62 -2.49
N TYR B 59 -20.83 -1.25 -2.47
CA TYR B 59 -20.44 0.15 -2.35
C TYR B 59 -19.31 0.44 -3.33
N TYR B 60 -19.23 1.69 -3.79
CA TYR B 60 -18.33 2.06 -4.86
C TYR B 60 -17.95 3.53 -4.72
N LYS B 61 -16.73 3.86 -5.14
CA LYS B 61 -16.34 5.22 -5.43
C LYS B 61 -16.83 5.59 -6.83
N ASP B 62 -17.10 6.89 -7.02
CA ASP B 62 -17.87 7.36 -8.17
C ASP B 62 -17.19 6.86 -9.45
N SER B 63 -15.85 6.78 -9.42
CA SER B 63 -15.07 6.56 -10.62
C SER B 63 -15.34 5.18 -11.18
N PHE B 64 -16.07 4.35 -10.43
CA PHE B 64 -16.18 2.93 -10.71
C PHE B 64 -17.64 2.56 -10.91
N PHE B 65 -18.53 3.47 -10.54
CA PHE B 65 -19.92 3.42 -10.98
C PHE B 65 -19.96 2.87 -12.39
N GLY B 66 -20.66 1.73 -12.56
CA GLY B 66 -21.06 1.26 -13.87
C GLY B 66 -20.00 0.34 -14.49
N ARG B 67 -18.76 0.45 -13.99
CA ARG B 67 -17.63 -0.24 -14.59
C ARG B 67 -17.25 -1.46 -13.73
N PHE B 68 -17.26 -1.26 -12.41
CA PHE B 68 -16.75 -2.25 -11.47
C PHE B 68 -17.91 -2.90 -10.73
N THR B 69 -17.80 -4.21 -10.51
CA THR B 69 -18.76 -4.93 -9.68
C THR B 69 -18.03 -5.77 -8.64
N ILE B 70 -18.36 -5.55 -7.37
CA ILE B 70 -17.82 -6.33 -6.27
C ILE B 70 -18.79 -7.48 -5.97
N SER B 71 -18.22 -8.67 -5.77
CA SER B 71 -19.01 -9.80 -5.30
C SER B 71 -18.17 -10.64 -4.35
N ARG B 72 -18.85 -11.52 -3.60
CA ARG B 72 -18.17 -12.50 -2.77
C ARG B 72 -18.84 -13.87 -2.98
N ASP B 73 -18.04 -14.93 -2.84
CA ASP B 73 -18.58 -16.26 -2.61
C ASP B 73 -18.15 -16.71 -1.21
N ASN B 74 -19.10 -16.69 -0.26
CA ASN B 74 -18.78 -16.89 1.14
C ASN B 74 -18.44 -18.35 1.38
N SER B 75 -18.93 -19.23 0.51
CA SER B 75 -18.68 -20.66 0.62
C SER B 75 -17.28 -20.99 0.10
N LYS B 76 -16.73 -20.10 -0.73
CA LYS B 76 -15.37 -20.26 -1.23
C LYS B 76 -14.46 -19.25 -0.53
N ASN B 77 -15.03 -18.48 0.41
CA ASN B 77 -14.26 -17.57 1.21
C ASN B 77 -13.50 -16.60 0.31
N THR B 78 -14.12 -16.26 -0.84
CA THR B 78 -13.42 -15.55 -1.89
C THR B 78 -14.15 -14.24 -2.19
N LEU B 79 -13.37 -13.18 -2.40
CA LEU B 79 -13.91 -11.89 -2.83
C LEU B 79 -13.49 -11.64 -4.28
N TYR B 80 -14.38 -11.00 -5.04
CA TYR B 80 -14.14 -10.72 -6.45
C TYR B 80 -14.31 -9.22 -6.70
N LEU B 81 -13.52 -8.71 -7.66
CA LEU B 81 -13.86 -7.49 -8.36
C LEU B 81 -13.90 -7.78 -9.86
N GLN B 82 -15.07 -7.56 -10.47
CA GLN B 82 -15.17 -7.46 -11.92
C GLN B 82 -14.92 -6.01 -12.35
N MET B 83 -13.90 -5.82 -13.18
CA MET B 83 -13.57 -4.49 -13.68
C MET B 83 -13.81 -4.47 -15.19
N ASN B 84 -14.72 -3.59 -15.62
CA ASN B 84 -15.02 -3.40 -17.03
C ASN B 84 -14.60 -2.00 -17.43
N SER B 85 -14.51 -1.76 -18.75
CA SER B 85 -14.22 -0.44 -19.28
C SER B 85 -12.98 0.12 -18.58
N LEU B 86 -11.91 -0.66 -18.58
CA LEU B 86 -10.70 -0.31 -17.86
C LEU B 86 -9.92 0.73 -18.64
N ARG B 87 -9.21 1.60 -17.91
CA ARG B 87 -8.49 2.71 -18.51
C ARG B 87 -7.07 2.72 -17.97
N ALA B 88 -6.19 3.44 -18.67
CA ALA B 88 -4.77 3.50 -18.31
C ALA B 88 -4.64 3.86 -16.84
N GLU B 89 -5.49 4.79 -16.38
CA GLU B 89 -5.35 5.38 -15.06
C GLU B 89 -5.97 4.46 -14.02
N ASP B 90 -6.46 3.30 -14.47
CA ASP B 90 -6.90 2.24 -13.58
C ASP B 90 -5.72 1.32 -13.28
N THR B 91 -4.58 1.58 -13.93
CA THR B 91 -3.36 0.84 -13.68
C THR B 91 -2.91 1.09 -12.24
N ALA B 92 -2.83 0.01 -11.45
CA ALA B 92 -2.55 0.12 -10.04
C ALA B 92 -2.38 -1.26 -9.43
N VAL B 93 -1.85 -1.30 -8.20
CA VAL B 93 -1.94 -2.47 -7.35
C VAL B 93 -3.30 -2.47 -6.65
N TYR B 94 -3.98 -3.62 -6.67
CA TYR B 94 -5.28 -3.76 -6.06
C TYR B 94 -5.15 -4.62 -4.82
N TYR B 95 -5.47 -4.02 -3.66
CA TYR B 95 -5.56 -4.75 -2.41
C TYR B 95 -7.03 -5.06 -2.12
N CYS B 96 -7.28 -6.24 -1.55
CA CYS B 96 -8.43 -6.42 -0.68
C CYS B 96 -8.03 -6.15 0.77
N ALA B 97 -9.01 -5.68 1.55
CA ALA B 97 -8.79 -5.35 2.95
C ALA B 97 -10.09 -5.57 3.72
N THR B 98 -9.99 -5.72 5.04
CA THR B 98 -11.16 -5.79 5.88
C THR B 98 -10.92 -5.04 7.19
N SER B 99 -12.01 -4.79 7.91
CA SER B 99 -11.95 -4.40 9.31
C SER B 99 -12.25 -5.59 10.21
N TRP B 100 -11.21 -6.06 10.91
CA TRP B 100 -11.30 -7.28 11.69
C TRP B 100 -11.26 -6.94 13.18
N GLU B 101 -10.09 -6.51 13.66
CA GLU B 101 -9.94 -6.01 15.01
C GLU B 101 -10.80 -4.76 15.20
N THR B 102 -11.03 -4.05 14.10
CA THR B 102 -11.52 -2.68 14.16
C THR B 102 -13.05 -2.69 14.12
N ALA B 103 -13.62 -3.83 13.74
CA ALA B 103 -14.98 -3.88 13.23
C ALA B 103 -15.95 -3.38 14.30
N ARG B 104 -15.56 -3.53 15.58
CA ARG B 104 -16.47 -3.33 16.68
C ARG B 104 -16.47 -1.86 17.08
N ILE B 105 -15.63 -1.06 16.41
CA ILE B 105 -15.53 0.36 16.68
C ILE B 105 -15.76 1.14 15.39
N LEU B 106 -14.96 0.84 14.37
CA LEU B 106 -14.99 1.61 13.13
C LEU B 106 -14.69 0.71 11.95
N PRO B 107 -15.72 0.08 11.33
CA PRO B 107 -15.56 -0.59 10.05
C PRO B 107 -14.95 0.33 9.00
N GLY B 108 -14.12 -0.25 8.12
CA GLY B 108 -13.47 0.52 7.07
C GLY B 108 -12.06 0.95 7.46
N ALA B 109 -11.78 0.94 8.76
CA ALA B 109 -10.41 0.95 9.26
C ALA B 109 -9.80 -0.43 9.05
N PHE B 110 -8.85 -0.52 8.11
CA PHE B 110 -8.43 -1.79 7.55
C PHE B 110 -7.17 -2.27 8.28
N ASP B 111 -7.35 -3.16 9.26
CA ASP B 111 -6.23 -3.75 9.98
C ASP B 111 -5.61 -4.85 9.12
N ILE B 112 -6.40 -5.41 8.19
CA ILE B 112 -5.97 -6.57 7.45
C ILE B 112 -5.99 -6.26 5.96
N TRP B 113 -4.82 -6.41 5.32
CA TRP B 113 -4.64 -6.18 3.89
C TRP B 113 -4.14 -7.46 3.23
N GLY B 114 -4.27 -7.52 1.90
CA GLY B 114 -3.62 -8.55 1.12
C GLY B 114 -2.23 -8.11 0.67
N ARG B 115 -1.62 -8.91 -0.23
CA ARG B 115 -0.33 -8.59 -0.80
C ARG B 115 -0.48 -7.48 -1.84
N GLY B 116 -1.65 -7.44 -2.49
CA GLY B 116 -1.83 -6.65 -3.69
C GLY B 116 -1.67 -7.51 -4.95
N THR B 117 -2.44 -7.17 -5.98
CA THR B 117 -2.21 -7.69 -7.31
C THR B 117 -2.20 -6.52 -8.30
N LEU B 118 -1.18 -6.49 -9.15
CA LEU B 118 -0.95 -5.36 -10.03
C LEU B 118 -1.80 -5.52 -11.29
N VAL B 119 -2.62 -4.50 -11.58
CA VAL B 119 -3.36 -4.43 -12.82
C VAL B 119 -2.73 -3.37 -13.72
N THR B 120 -2.36 -3.78 -14.94
CA THR B 120 -1.77 -2.88 -15.91
C THR B 120 -2.71 -2.70 -17.10
N VAL B 121 -3.15 -1.45 -17.30
CA VAL B 121 -4.00 -1.12 -18.43
C VAL B 121 -3.16 -0.41 -19.48
N SER B 122 -2.83 -1.14 -20.55
CA SER B 122 -1.91 -0.66 -21.57
C SER B 122 -2.12 -1.44 -22.86
N SER B 123 -1.85 -0.78 -23.99
CA SER B 123 -1.96 -1.40 -25.30
C SER B 123 -0.68 -2.17 -25.62
N ALA B 124 0.32 -2.03 -24.75
CA ALA B 124 1.66 -2.53 -25.03
C ALA B 124 1.69 -4.04 -24.88
N SER B 125 2.61 -4.70 -25.60
CA SER B 125 2.69 -6.14 -25.60
C SER B 125 3.50 -6.61 -24.39
N THR B 126 3.08 -7.74 -23.80
CA THR B 126 3.93 -8.51 -22.91
C THR B 126 5.27 -8.79 -23.60
N LYS B 127 6.36 -8.53 -22.88
CA LYS B 127 7.69 -8.93 -23.30
C LYS B 127 8.48 -9.41 -22.09
N GLY B 128 9.12 -10.57 -22.23
CA GLY B 128 9.95 -11.13 -21.18
C GLY B 128 11.31 -10.45 -21.10
N PRO B 129 11.90 -10.31 -19.89
CA PRO B 129 13.20 -9.65 -19.73
C PRO B 129 14.33 -10.50 -20.29
N SER B 130 15.39 -9.84 -20.76
CA SER B 130 16.72 -10.42 -20.74
C SER B 130 17.36 -10.24 -19.37
N VAL B 131 17.97 -11.30 -18.87
CA VAL B 131 18.74 -11.23 -17.63
C VAL B 131 20.21 -11.31 -17.98
N PHE B 132 20.96 -10.28 -17.56
CA PHE B 132 22.38 -10.18 -17.85
C PHE B 132 23.16 -10.15 -16.54
N PRO B 133 24.32 -10.83 -16.45
CA PRO B 133 25.14 -10.80 -15.25
C PRO B 133 25.78 -9.43 -15.06
N LEU B 134 25.73 -8.92 -13.83
CA LEU B 134 26.62 -7.85 -13.42
C LEU B 134 27.79 -8.44 -12.65
N ALA B 135 28.90 -8.66 -13.36
CA ALA B 135 29.99 -9.47 -12.85
C ALA B 135 30.91 -8.60 -12.00
N PRO B 136 31.40 -9.11 -10.86
CA PRO B 136 32.43 -8.42 -10.08
C PRO B 136 33.79 -8.52 -10.74
N SER B 137 34.53 -7.40 -10.75
CA SER B 137 35.69 -7.26 -11.62
C SER B 137 36.89 -6.79 -10.80
N SER B 138 36.88 -5.52 -10.40
CA SER B 138 38.03 -4.89 -9.77
C SER B 138 39.20 -5.88 -9.72
N GLY B 143 38.09 -3.92 -1.93
CA GLY B 143 38.90 -4.96 -1.27
C GLY B 143 38.04 -6.11 -0.76
N GLY B 144 37.49 -5.94 0.45
CA GLY B 144 36.97 -7.05 1.23
C GLY B 144 35.54 -7.40 0.84
N THR B 145 34.92 -6.50 0.06
CA THR B 145 33.53 -6.61 -0.28
C THR B 145 33.38 -6.54 -1.80
N ALA B 146 32.67 -7.51 -2.38
CA ALA B 146 32.42 -7.51 -3.81
C ALA B 146 30.94 -7.24 -4.06
N ALA B 147 30.65 -6.36 -5.01
CA ALA B 147 29.33 -6.23 -5.60
C ALA B 147 29.24 -7.13 -6.85
N LEU B 148 28.14 -7.89 -6.93
CA LEU B 148 27.65 -8.37 -8.20
C LEU B 148 26.14 -8.14 -8.26
N GLY B 149 25.54 -8.43 -9.42
CA GLY B 149 24.12 -8.22 -9.62
C GLY B 149 23.61 -8.88 -10.90
N CYS B 150 22.32 -8.68 -11.17
CA CYS B 150 21.73 -9.05 -12.45
C CYS B 150 21.02 -7.85 -13.05
N LEU B 151 21.23 -7.64 -14.36
CA LEU B 151 20.47 -6.66 -15.11
C LEU B 151 19.27 -7.35 -15.74
N VAL B 152 18.07 -6.93 -15.31
CA VAL B 152 16.82 -7.46 -15.85
C VAL B 152 16.23 -6.43 -16.80
N LYS B 153 16.46 -6.65 -18.11
CA LYS B 153 16.31 -5.62 -19.11
C LYS B 153 15.11 -5.95 -19.99
N ASP B 154 14.30 -4.93 -20.29
CA ASP B 154 13.51 -4.89 -21.51
C ASP B 154 12.32 -5.84 -21.36
N TYR B 155 11.50 -5.59 -20.33
CA TYR B 155 10.34 -6.43 -20.05
C TYR B 155 9.11 -5.56 -19.88
N PHE B 156 7.94 -6.14 -20.20
CA PHE B 156 6.67 -5.51 -19.93
C PHE B 156 5.62 -6.59 -19.69
N PRO B 157 4.61 -6.35 -18.83
CA PRO B 157 4.65 -5.23 -17.89
C PRO B 157 5.42 -5.57 -16.61
N GLU B 158 5.30 -4.71 -15.60
CA GLU B 158 5.64 -5.07 -14.24
C GLU B 158 4.75 -6.23 -13.80
N PRO B 159 5.06 -6.89 -12.66
CA PRO B 159 6.39 -6.85 -12.06
C PRO B 159 7.29 -8.02 -12.47
N VAL B 160 8.59 -7.88 -12.18
CA VAL B 160 9.47 -9.03 -12.00
C VAL B 160 9.83 -9.14 -10.52
N THR B 161 10.13 -10.36 -10.07
CA THR B 161 10.79 -10.58 -8.80
C THR B 161 12.22 -11.07 -9.05
N VAL B 162 13.13 -10.69 -8.16
CA VAL B 162 14.46 -11.25 -8.13
C VAL B 162 14.76 -11.71 -6.70
N SER B 163 15.00 -13.01 -6.54
CA SER B 163 15.66 -13.54 -5.36
C SER B 163 17.10 -13.92 -5.70
N TRP B 164 17.88 -14.24 -4.67
CA TRP B 164 19.27 -14.61 -4.83
C TRP B 164 19.53 -15.95 -4.16
N ASN B 165 20.12 -16.89 -4.91
CA ASN B 165 20.31 -18.25 -4.43
C ASN B 165 19.01 -18.77 -3.85
N SER B 166 17.92 -18.61 -4.61
CA SER B 166 16.66 -19.28 -4.34
C SER B 166 16.09 -18.79 -3.00
N GLY B 167 16.53 -17.61 -2.58
CA GLY B 167 15.97 -16.97 -1.39
C GLY B 167 16.89 -17.12 -0.19
N ALA B 168 18.03 -17.79 -0.41
CA ALA B 168 18.97 -18.11 0.64
C ALA B 168 19.85 -16.91 0.95
N LEU B 169 20.11 -16.10 -0.08
CA LEU B 169 20.86 -14.86 0.08
C LEU B 169 19.90 -13.68 0.05
N THR B 170 19.80 -12.96 1.17
CA THR B 170 18.94 -11.80 1.26
C THR B 170 19.72 -10.63 1.85
N SER B 171 20.66 -10.93 2.74
CA SER B 171 21.52 -9.92 3.34
C SER B 171 22.34 -9.24 2.24
N GLY B 172 22.19 -7.92 2.14
CA GLY B 172 23.03 -7.11 1.28
C GLY B 172 22.44 -6.98 -0.13
N VAL B 173 21.26 -7.56 -0.34
CA VAL B 173 20.59 -7.50 -1.63
C VAL B 173 19.92 -6.14 -1.79
N HIS B 174 20.22 -5.47 -2.91
CA HIS B 174 19.44 -4.33 -3.37
C HIS B 174 18.83 -4.67 -4.73
N THR B 175 17.50 -4.83 -4.75
CA THR B 175 16.75 -4.89 -5.99
C THR B 175 16.09 -3.54 -6.22
N PHE B 176 16.42 -2.91 -7.35
CA PHE B 176 16.09 -1.51 -7.57
C PHE B 176 14.70 -1.42 -8.19
N PRO B 177 13.93 -0.36 -7.86
CA PRO B 177 12.74 -0.01 -8.64
C PRO B 177 13.03 -0.02 -10.13
N ALA B 178 12.20 -0.75 -10.88
CA ALA B 178 12.27 -0.74 -12.34
C ALA B 178 12.09 0.69 -12.84
N VAL B 179 12.80 1.02 -13.92
CA VAL B 179 12.56 2.27 -14.64
C VAL B 179 11.95 1.93 -16.00
N LEU B 180 10.92 2.68 -16.37
CA LEU B 180 10.43 2.70 -17.75
C LEU B 180 11.45 3.38 -18.64
N GLN B 181 12.10 2.59 -19.50
CA GLN B 181 13.00 3.12 -20.50
C GLN B 181 12.19 3.83 -21.58
N SER B 182 12.88 4.63 -22.41
CA SER B 182 12.25 5.32 -23.51
C SER B 182 11.43 4.33 -24.34
N SER B 183 11.91 3.09 -24.39
CA SER B 183 11.39 2.09 -25.31
C SER B 183 9.99 1.66 -24.90
N GLY B 184 9.57 2.10 -23.70
CA GLY B 184 8.32 1.65 -23.11
C GLY B 184 8.51 0.35 -22.32
N LEU B 185 9.74 -0.17 -22.33
CA LEU B 185 10.05 -1.41 -21.63
C LEU B 185 10.67 -1.06 -20.28
N TYR B 186 10.41 -1.90 -19.28
CA TYR B 186 10.96 -1.70 -17.96
C TYR B 186 12.37 -2.29 -17.90
N SER B 187 13.24 -1.67 -17.11
CA SER B 187 14.53 -2.24 -16.79
C SER B 187 14.84 -2.06 -15.32
N LEU B 188 15.71 -2.94 -14.80
CA LEU B 188 15.90 -3.09 -13.38
C LEU B 188 17.17 -3.91 -13.15
N SER B 189 17.97 -3.49 -12.17
CA SER B 189 19.09 -4.28 -11.70
C SER B 189 18.85 -4.74 -10.28
N SER B 190 19.25 -5.99 -9.99
CA SER B 190 19.40 -6.45 -8.62
C SER B 190 20.88 -6.68 -8.33
N VAL B 191 21.40 -5.92 -7.36
CA VAL B 191 22.79 -6.06 -6.95
C VAL B 191 22.81 -6.63 -5.54
N VAL B 192 23.90 -7.34 -5.22
CA VAL B 192 24.17 -7.80 -3.87
C VAL B 192 25.65 -7.63 -3.60
N THR B 193 25.99 -7.29 -2.35
CA THR B 193 27.37 -7.19 -1.92
C THR B 193 27.70 -8.37 -1.01
N VAL B 194 28.84 -9.00 -1.27
CA VAL B 194 29.25 -10.20 -0.57
C VAL B 194 30.73 -10.09 -0.20
N PRO B 195 31.24 -10.94 0.71
CA PRO B 195 32.68 -11.06 0.94
C PRO B 195 33.43 -11.43 -0.34
N SER B 196 34.45 -10.61 -0.67
CA SER B 196 35.37 -10.94 -1.75
C SER B 196 35.87 -12.37 -1.60
N SER B 197 36.14 -12.76 -0.34
CA SER B 197 36.68 -14.08 -0.06
C SER B 197 35.72 -15.15 -0.54
N SER B 198 34.46 -14.77 -0.73
CA SER B 198 33.38 -15.73 -0.92
C SER B 198 33.19 -16.03 -2.40
N LEU B 199 33.95 -15.33 -3.25
CA LEU B 199 33.72 -15.34 -4.69
C LEU B 199 34.16 -16.69 -5.27
N GLY B 200 35.08 -17.35 -4.58
CA GLY B 200 35.62 -18.61 -5.05
C GLY B 200 34.81 -19.80 -4.56
N THR B 201 34.12 -19.61 -3.43
CA THR B 201 33.51 -20.71 -2.70
C THR B 201 31.99 -20.68 -2.90
N GLN B 202 31.39 -19.53 -2.64
CA GLN B 202 29.94 -19.36 -2.81
C GLN B 202 29.62 -19.07 -4.27
N THR B 203 28.69 -19.85 -4.81
CA THR B 203 28.10 -19.56 -6.11
C THR B 203 26.89 -18.63 -5.92
N TYR B 204 26.74 -17.68 -6.85
CA TYR B 204 25.70 -16.68 -6.75
C TYR B 204 24.84 -16.73 -8.00
N ILE B 205 23.54 -16.98 -7.80
CA ILE B 205 22.58 -17.05 -8.89
C ILE B 205 21.41 -16.13 -8.56
N CYS B 206 21.02 -15.30 -9.53
CA CYS B 206 19.83 -14.49 -9.39
C CYS B 206 18.65 -15.23 -10.05
N ASN B 207 17.53 -15.26 -9.33
CA ASN B 207 16.32 -15.92 -9.79
C ASN B 207 15.29 -14.87 -10.19
N VAL B 208 15.10 -14.71 -11.50
CA VAL B 208 14.19 -13.71 -12.03
C VAL B 208 12.93 -14.43 -12.51
N ASN B 209 11.81 -14.14 -11.84
CA ASN B 209 10.50 -14.52 -12.36
C ASN B 209 9.84 -13.28 -12.96
N HIS B 210 9.48 -13.38 -14.24
CA HIS B 210 8.53 -12.47 -14.86
C HIS B 210 7.27 -13.24 -15.23
N LYS B 211 6.32 -13.30 -14.29
CA LYS B 211 5.18 -14.19 -14.40
C LYS B 211 4.36 -13.83 -15.64
N PRO B 212 4.09 -12.52 -15.88
CA PRO B 212 3.35 -12.09 -17.06
C PRO B 212 3.76 -12.81 -18.34
N SER B 213 5.06 -13.09 -18.45
CA SER B 213 5.62 -13.68 -19.66
C SER B 213 5.96 -15.15 -19.42
N ASN B 214 5.56 -15.65 -18.25
CA ASN B 214 6.07 -16.91 -17.72
C ASN B 214 7.52 -17.07 -18.13
N THR B 215 8.36 -16.09 -17.75
CA THR B 215 9.80 -16.20 -17.88
C THR B 215 10.41 -16.44 -16.50
N LYS B 216 11.03 -17.60 -16.33
CA LYS B 216 11.93 -17.85 -15.21
C LYS B 216 13.36 -17.98 -15.73
N VAL B 217 14.25 -17.12 -15.21
CA VAL B 217 15.67 -17.22 -15.53
C VAL B 217 16.45 -17.31 -14.23
N ASP B 218 17.33 -18.31 -14.16
CA ASP B 218 18.33 -18.39 -13.10
C ASP B 218 19.70 -18.10 -13.72
N LYS B 219 20.24 -16.91 -13.40
CA LYS B 219 21.53 -16.48 -13.94
C LYS B 219 22.61 -16.72 -12.89
N ARG B 220 23.57 -17.59 -13.24
CA ARG B 220 24.84 -17.65 -12.56
C ARG B 220 25.62 -16.36 -12.84
N VAL B 221 26.05 -15.69 -11.78
CA VAL B 221 26.95 -14.55 -11.89
C VAL B 221 28.36 -15.01 -11.54
N GLU B 222 29.23 -15.06 -12.55
CA GLU B 222 30.64 -15.37 -12.35
C GLU B 222 31.44 -14.08 -12.39
N PRO B 223 32.57 -14.00 -11.64
CA PRO B 223 33.53 -12.92 -11.81
C PRO B 223 34.32 -13.03 -13.13
N ASP C 1 -16.66 14.68 -2.40
CA ASP C 1 -15.72 13.81 -1.64
C ASP C 1 -15.02 14.65 -0.57
N ILE C 2 -14.83 14.05 0.61
CA ILE C 2 -14.05 14.66 1.67
C ILE C 2 -12.57 14.57 1.28
N GLN C 3 -11.93 15.74 1.16
CA GLN C 3 -10.51 15.81 0.89
C GLN C 3 -9.74 15.74 2.21
N LEU C 4 -8.72 14.87 2.25
CA LEU C 4 -7.78 14.84 3.36
C LEU C 4 -6.46 15.43 2.90
N THR C 5 -6.07 16.54 3.54
CA THR C 5 -4.76 17.14 3.31
C THR C 5 -3.87 16.86 4.51
N GLN C 6 -2.78 16.14 4.26
CA GLN C 6 -1.74 15.91 5.25
C GLN C 6 -0.69 17.00 5.13
N SER C 7 -0.06 17.32 6.26
CA SER C 7 1.10 18.21 6.28
C SER C 7 2.05 17.78 7.39
N PRO C 8 3.37 17.76 7.13
CA PRO C 8 3.90 18.01 5.79
C PRO C 8 3.66 16.84 4.85
N SER C 9 3.88 17.08 3.54
CA SER C 9 3.94 16.01 2.55
C SER C 9 5.20 15.19 2.76
N PHE C 10 6.26 15.85 3.23
CA PHE C 10 7.56 15.23 3.39
C PHE C 10 8.19 15.70 4.70
N LEU C 11 8.83 14.78 5.41
CA LEU C 11 9.41 15.08 6.71
C LEU C 11 10.69 14.27 6.88
N SER C 12 11.74 14.94 7.37
CA SER C 12 13.01 14.29 7.67
C SER C 12 13.41 14.59 9.10
N ALA C 13 13.66 13.53 9.88
CA ALA C 13 13.70 13.63 11.33
C ALA C 13 14.64 12.57 11.89
N SER C 14 15.31 12.91 13.00
CA SER C 14 16.37 12.08 13.54
C SER C 14 15.78 11.10 14.55
N VAL C 15 16.40 9.91 14.63
CA VAL C 15 16.02 8.93 15.64
C VAL C 15 15.87 9.66 16.97
N GLY C 16 14.81 9.31 17.72
CA GLY C 16 14.58 9.86 19.04
C GLY C 16 13.74 11.13 19.00
N ASP C 17 13.64 11.73 17.79
CA ASP C 17 12.82 12.91 17.60
C ASP C 17 11.38 12.59 17.97
N ARG C 18 10.64 13.63 18.37
CA ARG C 18 9.19 13.62 18.32
C ARG C 18 8.72 14.24 17.01
N VAL C 19 7.85 13.52 16.30
CA VAL C 19 7.35 13.95 15.01
C VAL C 19 5.82 13.91 15.05
N THR C 20 5.18 14.96 14.53
CA THR C 20 3.73 14.96 14.35
C THR C 20 3.41 15.09 12.87
N ILE C 21 2.36 14.36 12.44
CA ILE C 21 1.80 14.53 11.12
C ILE C 21 0.34 14.93 11.27
N THR C 22 -0.04 16.01 10.59
CA THR C 22 -1.38 16.55 10.70
C THR C 22 -2.20 16.13 9.49
N CYS C 23 -3.50 15.93 9.72
CA CYS C 23 -4.43 15.62 8.65
C CYS C 23 -5.69 16.48 8.82
N ARG C 24 -5.95 17.31 7.81
CA ARG C 24 -7.10 18.20 7.83
C ARG C 24 -8.12 17.72 6.81
N THR C 25 -9.39 17.72 7.22
CA THR C 25 -10.46 17.17 6.39
C THR C 25 -11.36 18.30 5.90
N SER C 26 -11.91 18.13 4.70
CA SER C 26 -12.65 19.19 4.03
C SER C 26 -14.07 19.26 4.59
N GLN C 27 -14.46 18.24 5.35
CA GLN C 27 -15.72 18.24 6.08
C GLN C 27 -15.49 17.63 7.47
N ASP C 28 -16.45 17.87 8.36
CA ASP C 28 -16.46 17.24 9.67
C ASP C 28 -16.39 15.72 9.48
N THR C 29 -15.38 15.10 10.11
CA THR C 29 -15.13 13.68 9.96
C THR C 29 -15.31 12.99 11.31
N ASN C 30 -15.80 13.76 12.29
CA ASN C 30 -16.09 13.22 13.60
C ASN C 30 -14.80 12.70 14.23
N SER C 31 -14.82 11.44 14.65
CA SER C 31 -13.62 10.75 15.11
C SER C 31 -13.21 9.69 14.09
N TYR C 32 -13.86 9.71 12.92
CA TYR C 32 -13.77 8.60 11.99
C TYR C 32 -12.56 8.81 11.09
N LEU C 33 -11.37 8.72 11.70
CA LEU C 33 -10.11 8.80 10.97
C LEU C 33 -9.24 7.60 11.34
N ALA C 34 -8.46 7.12 10.36
CA ALA C 34 -7.46 6.10 10.59
C ALA C 34 -6.11 6.60 10.11
N TRP C 35 -5.04 6.12 10.76
CA TRP C 35 -3.68 6.37 10.32
C TRP C 35 -3.03 5.05 9.89
N TYR C 36 -2.39 5.07 8.73
CA TYR C 36 -1.73 3.88 8.18
C TYR C 36 -0.25 4.19 7.95
N GLN C 37 0.56 3.14 8.01
CA GLN C 37 1.99 3.26 7.74
C GLN C 37 2.37 2.26 6.65
N GLN C 38 2.80 2.78 5.49
CA GLN C 38 3.14 1.93 4.36
C GLN C 38 4.64 1.96 4.14
N LYS C 39 5.28 0.80 4.31
CA LYS C 39 6.67 0.60 3.93
C LYS C 39 6.72 0.14 2.48
N PRO C 40 7.83 0.41 1.76
CA PRO C 40 7.91 0.11 0.32
C PRO C 40 7.58 -1.34 -0.02
N GLY C 41 6.73 -1.51 -1.04
CA GLY C 41 6.43 -2.83 -1.58
C GLY C 41 5.48 -3.61 -0.67
N LYS C 42 5.02 -2.95 0.40
CA LYS C 42 4.16 -3.58 1.38
C LYS C 42 2.79 -2.92 1.34
N ALA C 43 1.79 -3.65 1.85
CA ALA C 43 0.48 -3.07 2.10
C ALA C 43 0.57 -2.07 3.25
N PRO C 44 -0.28 -1.03 3.27
CA PRO C 44 -0.45 -0.19 4.46
C PRO C 44 -0.65 -1.03 5.72
N LYS C 45 0.00 -0.59 6.80
CA LYS C 45 -0.24 -1.14 8.13
C LYS C 45 -1.04 -0.12 8.94
N LEU C 46 -2.20 -0.55 9.46
CA LEU C 46 -3.02 0.31 10.29
C LEU C 46 -2.33 0.53 11.63
N LEU C 47 -2.10 1.80 11.97
CA LEU C 47 -1.56 2.15 13.27
C LEU C 47 -2.70 2.50 14.21
N ILE C 48 -3.55 3.43 13.78
CA ILE C 48 -4.50 4.09 14.66
C ILE C 48 -5.82 4.26 13.93
N TYR C 49 -6.93 4.11 14.66
CA TYR C 49 -8.26 4.26 14.09
C TYR C 49 -9.19 4.85 15.16
N ALA C 50 -10.31 5.39 14.71
CA ALA C 50 -11.17 6.18 15.58
C ALA C 50 -10.34 7.31 16.21
N ALA C 51 -9.38 7.81 15.43
CA ALA C 51 -8.61 8.99 15.80
C ALA C 51 -7.49 8.60 16.76
N SER C 52 -7.83 7.85 17.81
CA SER C 52 -7.02 7.84 19.03
C SER C 52 -6.67 6.41 19.44
N VAL C 53 -7.34 5.43 18.85
CA VAL C 53 -7.23 4.05 19.31
C VAL C 53 -6.10 3.35 18.57
N LEU C 54 -5.14 2.80 19.33
CA LEU C 54 -4.07 2.00 18.77
C LEU C 54 -4.58 0.61 18.43
N LEU C 55 -4.26 0.15 17.22
CA LEU C 55 -4.30 -1.28 16.91
C LEU C 55 -3.35 -2.00 17.85
N SER C 56 -3.81 -3.14 18.39
CA SER C 56 -2.94 -4.06 19.11
C SER C 56 -1.68 -4.32 18.30
N GLY C 57 -0.53 -4.28 18.98
CA GLY C 57 0.75 -4.53 18.35
C GLY C 57 1.55 -3.24 18.13
N VAL C 58 0.82 -2.11 18.08
CA VAL C 58 1.42 -0.85 17.69
C VAL C 58 2.11 -0.24 18.90
N PRO C 59 3.44 0.04 18.81
CA PRO C 59 4.16 0.70 19.88
C PRO C 59 3.43 1.91 20.46
N SER C 60 3.47 2.06 21.79
CA SER C 60 2.72 3.09 22.48
C SER C 60 3.31 4.46 22.17
N ARG C 61 4.42 4.46 21.41
CA ARG C 61 5.08 5.68 21.03
C ARG C 61 4.38 6.28 19.81
N PHE C 62 3.44 5.51 19.24
CA PHE C 62 2.46 6.04 18.31
C PHE C 62 1.23 6.49 19.10
N SER C 63 0.65 7.64 18.69
CA SER C 63 -0.56 8.14 19.30
C SER C 63 -1.30 9.04 18.31
N GLY C 64 -2.63 9.04 18.41
CA GLY C 64 -3.47 9.91 17.62
C GLY C 64 -4.31 10.83 18.49
N SER C 65 -4.73 11.97 17.92
CA SER C 65 -5.69 12.84 18.58
C SER C 65 -6.41 13.69 17.54
N GLY C 66 -7.33 14.52 18.02
CA GLY C 66 -8.10 15.40 17.16
C GLY C 66 -9.47 14.81 16.84
N SER C 67 -10.23 15.53 16.01
CA SER C 67 -11.66 15.32 15.86
C SER C 67 -12.25 16.46 15.04
N GLY C 68 -13.31 16.17 14.29
CA GLY C 68 -13.87 17.13 13.36
C GLY C 68 -13.08 17.19 12.07
N THR C 69 -12.13 18.13 11.99
CA THR C 69 -11.60 18.58 10.71
C THR C 69 -10.07 18.62 10.76
N GLU C 70 -9.51 18.40 11.96
CA GLU C 70 -8.07 18.39 12.13
C GLU C 70 -7.66 17.22 13.04
N PHE C 71 -6.70 16.44 12.56
CA PHE C 71 -6.26 15.23 13.26
C PHE C 71 -4.74 15.17 13.24
N THR C 72 -4.16 14.60 14.30
CA THR C 72 -2.71 14.50 14.43
C THR C 72 -2.33 13.04 14.66
N LEU C 73 -1.31 12.58 13.91
CA LEU C 73 -0.52 11.45 14.32
C LEU C 73 0.81 11.94 14.88
N THR C 74 1.15 11.45 16.08
CA THR C 74 2.42 11.76 16.71
C THR C 74 3.23 10.48 16.88
N ILE C 75 4.48 10.50 16.39
CA ILE C 75 5.49 9.54 16.77
C ILE C 75 6.49 10.23 17.69
N SER C 76 6.46 9.87 18.97
CA SER C 76 7.55 10.18 19.88
C SER C 76 8.64 9.14 19.73
N SER C 77 9.88 9.53 20.04
CA SER C 77 10.99 8.60 20.05
C SER C 77 11.06 7.88 18.71
N LEU C 78 11.39 8.64 17.65
CA LEU C 78 11.41 8.11 16.30
C LEU C 78 12.49 7.04 16.18
N GLN C 79 12.16 5.95 15.49
CA GLN C 79 13.09 4.86 15.28
C GLN C 79 13.32 4.68 13.78
N PRO C 80 14.45 4.07 13.37
CA PRO C 80 14.78 3.91 11.95
C PRO C 80 13.65 3.23 11.18
N GLU C 81 13.03 2.24 11.83
CA GLU C 81 12.07 1.37 11.17
C GLU C 81 10.77 2.15 10.94
N ASP C 82 10.73 3.40 11.41
CA ASP C 82 9.56 4.24 11.29
C ASP C 82 9.58 4.97 9.95
N PHE C 83 10.62 4.69 9.15
CA PHE C 83 10.59 5.08 7.75
C PHE C 83 9.37 4.47 7.07
N ALA C 84 8.64 5.29 6.32
CA ALA C 84 7.40 4.89 5.71
C ALA C 84 6.72 6.12 5.12
N THR C 85 5.76 5.88 4.20
CA THR C 85 4.75 6.87 3.89
C THR C 85 3.54 6.64 4.80
N TYR C 86 3.09 7.72 5.43
CA TYR C 86 1.97 7.67 6.36
C TYR C 86 0.74 8.27 5.70
N TYR C 87 -0.40 7.60 5.86
CA TYR C 87 -1.66 8.08 5.32
C TYR C 87 -2.67 8.23 6.45
N CYS C 88 -3.49 9.29 6.38
CA CYS C 88 -4.76 9.30 7.08
C CYS C 88 -5.87 8.84 6.15
N GLN C 89 -6.94 8.32 6.74
CA GLN C 89 -8.12 7.91 6.00
C GLN C 89 -9.36 8.30 6.81
N GLN C 90 -10.35 8.88 6.14
CA GLN C 90 -11.60 9.25 6.77
C GLN C 90 -12.61 8.14 6.55
N LEU C 91 -13.46 7.91 7.56
CA LEU C 91 -14.48 6.89 7.49
C LEU C 91 -15.82 7.48 7.93
N ALA C 92 -16.11 8.69 7.46
CA ALA C 92 -17.28 9.44 7.89
C ALA C 92 -18.33 9.43 6.78
N SER C 93 -17.87 9.40 5.53
CA SER C 93 -18.74 9.61 4.38
C SER C 93 -18.15 8.93 3.15
N SER C 94 -19.02 8.32 2.34
CA SER C 94 -18.61 7.66 1.12
C SER C 94 -18.31 8.71 0.05
N PRO C 95 -17.26 8.50 -0.79
CA PRO C 95 -16.35 7.35 -0.64
C PRO C 95 -15.33 7.54 0.48
N ILE C 96 -14.80 6.42 0.99
CA ILE C 96 -13.60 6.46 1.80
C ILE C 96 -12.51 7.15 1.00
N THR C 97 -11.83 8.11 1.66
CA THR C 97 -10.74 8.82 1.04
C THR C 97 -9.53 8.84 1.97
N PHE C 98 -8.34 8.88 1.37
CA PHE C 98 -7.10 9.00 2.12
C PHE C 98 -6.51 10.39 1.87
N GLY C 99 -5.55 10.78 2.72
CA GLY C 99 -4.65 11.89 2.42
C GLY C 99 -3.64 11.52 1.35
N GLN C 100 -2.91 12.53 0.88
CA GLN C 100 -1.97 12.36 -0.22
C GLN C 100 -0.79 11.50 0.27
N GLY C 101 -0.58 11.50 1.59
CA GLY C 101 0.51 10.76 2.19
C GLY C 101 1.62 11.68 2.71
N THR C 102 2.18 11.32 3.86
CA THR C 102 3.39 11.96 4.35
C THR C 102 4.53 10.94 4.35
N ARG C 103 5.60 11.26 3.61
CA ARG C 103 6.80 10.44 3.62
C ARG C 103 7.71 10.92 4.73
N LEU C 104 8.03 10.02 5.66
CA LEU C 104 8.99 10.28 6.73
C LEU C 104 10.27 9.50 6.44
N GLU C 105 11.36 10.23 6.17
CA GLU C 105 12.68 9.64 6.15
C GLU C 105 13.40 9.96 7.45
N ILE C 106 14.36 9.10 7.81
CA ILE C 106 15.12 9.27 9.04
C ILE C 106 16.42 10.00 8.72
N LYS C 107 16.54 11.22 9.24
CA LYS C 107 17.83 11.89 9.35
C LYS C 107 18.80 10.96 10.08
N ARG C 108 20.09 11.15 9.81
CA ARG C 108 21.11 10.17 10.15
C ARG C 108 22.47 10.74 9.73
N THR C 109 23.54 10.28 10.38
CA THR C 109 24.87 10.77 10.11
C THR C 109 25.19 10.51 8.64
N VAL C 110 26.02 11.38 8.05
CA VAL C 110 26.40 11.26 6.66
C VAL C 110 27.19 9.97 6.47
N ALA C 111 26.84 9.19 5.45
CA ALA C 111 27.55 7.97 5.11
C ALA C 111 27.88 7.98 3.62
N ALA C 112 29.16 7.80 3.31
CA ALA C 112 29.63 7.85 1.93
C ALA C 112 29.09 6.64 1.18
N PRO C 113 28.81 6.77 -0.14
CA PRO C 113 28.63 5.61 -1.01
C PRO C 113 29.94 4.84 -1.16
N SER C 114 29.86 3.51 -1.06
CA SER C 114 30.78 2.64 -1.76
C SER C 114 30.32 2.46 -3.21
N VAL C 115 31.23 2.76 -4.15
CA VAL C 115 30.90 2.78 -5.56
C VAL C 115 31.49 1.55 -6.23
N PHE C 116 30.67 0.88 -7.04
CA PHE C 116 31.16 -0.13 -7.97
C PHE C 116 30.69 0.20 -9.37
N ILE C 117 31.41 -0.30 -10.38
CA ILE C 117 31.02 -0.13 -11.76
C ILE C 117 31.07 -1.50 -12.46
N PHE C 118 30.12 -1.71 -13.37
CA PHE C 118 29.98 -2.98 -14.07
C PHE C 118 30.06 -2.74 -15.57
N PRO C 119 31.04 -3.33 -16.28
CA PRO C 119 31.03 -3.35 -17.74
C PRO C 119 29.75 -3.99 -18.26
N PRO C 120 29.33 -3.68 -19.49
CA PRO C 120 28.42 -4.56 -20.24
C PRO C 120 28.90 -6.01 -20.20
N SER C 121 27.97 -6.94 -19.94
CA SER C 121 28.19 -8.35 -20.17
C SER C 121 28.42 -8.60 -21.66
N ASP C 122 29.23 -9.62 -21.96
CA ASP C 122 29.36 -10.13 -23.31
C ASP C 122 27.98 -10.51 -23.85
N GLU C 123 27.12 -11.00 -22.94
CA GLU C 123 25.83 -11.54 -23.33
C GLU C 123 24.97 -10.42 -23.91
N GLN C 124 24.98 -9.26 -23.24
CA GLN C 124 24.17 -8.13 -23.65
C GLN C 124 24.70 -7.59 -24.98
N LEU C 125 26.02 -7.69 -25.16
CA LEU C 125 26.68 -7.05 -26.29
C LEU C 125 26.32 -7.80 -27.57
N LYS C 126 26.13 -9.13 -27.46
CA LYS C 126 25.59 -9.93 -28.54
C LYS C 126 24.36 -9.23 -29.12
N SER C 127 23.51 -8.70 -28.23
CA SER C 127 22.19 -8.25 -28.62
C SER C 127 22.23 -6.77 -29.02
N GLY C 128 23.43 -6.19 -28.97
CA GLY C 128 23.72 -4.95 -29.69
C GLY C 128 23.46 -3.72 -28.83
N THR C 129 23.33 -3.94 -27.51
CA THR C 129 23.27 -2.85 -26.56
C THR C 129 24.36 -3.03 -25.51
N ALA C 130 24.85 -1.90 -24.99
CA ALA C 130 25.71 -1.89 -23.83
C ALA C 130 25.04 -1.10 -22.71
N SER C 131 24.69 -1.78 -21.62
CA SER C 131 24.35 -1.13 -20.37
C SER C 131 25.54 -1.16 -19.42
N VAL C 132 26.03 0.04 -19.05
CA VAL C 132 27.06 0.17 -18.04
C VAL C 132 26.39 0.64 -16.74
N VAL C 133 26.63 -0.11 -15.66
CA VAL C 133 25.92 0.11 -14.42
C VAL C 133 26.89 0.59 -13.36
N CYS C 134 26.46 1.60 -12.59
CA CYS C 134 27.22 2.11 -11.46
C CYS C 134 26.36 2.03 -10.21
N LEU C 135 26.91 1.37 -9.16
CA LEU C 135 26.18 1.20 -7.92
C LEU C 135 26.76 2.14 -6.87
N LEU C 136 25.92 3.04 -6.36
CA LEU C 136 26.17 3.72 -5.10
C LEU C 136 25.47 2.96 -3.97
N ASN C 137 26.27 2.41 -3.05
CA ASN C 137 25.75 1.52 -2.04
C ASN C 137 25.76 2.23 -0.69
N ASN C 138 24.58 2.31 -0.07
CA ASN C 138 24.46 2.40 1.37
C ASN C 138 25.00 3.74 1.85
N PHE C 139 24.42 4.83 1.32
CA PHE C 139 24.90 6.17 1.60
C PHE C 139 23.78 7.01 2.19
N TYR C 140 24.15 8.13 2.82
CA TYR C 140 23.20 9.13 3.26
C TYR C 140 23.91 10.48 3.35
N PRO C 141 23.26 11.59 2.93
CA PRO C 141 21.84 11.57 2.56
C PRO C 141 21.58 11.12 1.11
N ARG C 142 20.34 11.32 0.67
CA ARG C 142 19.86 10.75 -0.58
C ARG C 142 20.53 11.48 -1.75
N GLU C 143 20.67 12.80 -1.62
CA GLU C 143 21.20 13.62 -2.69
C GLU C 143 22.59 13.11 -3.08
N ALA C 144 22.78 12.85 -4.37
CA ALA C 144 24.06 12.37 -4.88
C ALA C 144 24.11 12.56 -6.39
N LYS C 145 25.23 13.12 -6.87
CA LYS C 145 25.43 13.36 -8.29
C LYS C 145 26.25 12.22 -8.88
N VAL C 146 25.66 11.52 -9.86
CA VAL C 146 26.40 10.62 -10.71
C VAL C 146 26.65 11.29 -12.05
N GLN C 147 27.93 11.34 -12.45
CA GLN C 147 28.29 11.83 -13.78
C GLN C 147 28.99 10.71 -14.55
N TRP C 148 28.48 10.43 -15.75
CA TRP C 148 29.07 9.43 -16.63
C TRP C 148 30.06 10.11 -17.57
N LYS C 149 31.29 9.60 -17.60
CA LYS C 149 32.31 10.07 -18.50
C LYS C 149 32.73 8.93 -19.44
N VAL C 150 32.72 9.21 -20.74
CA VAL C 150 33.24 8.28 -21.73
C VAL C 150 34.38 8.97 -22.46
N ASP C 151 35.59 8.40 -22.35
CA ASP C 151 36.80 9.09 -22.75
C ASP C 151 36.74 10.54 -22.26
N ASN C 152 36.25 10.72 -21.03
CA ASN C 152 36.41 11.98 -20.31
C ASN C 152 35.33 12.96 -20.75
N ALA C 153 34.69 12.66 -21.89
CA ALA C 153 33.51 13.38 -22.30
C ALA C 153 32.38 13.12 -21.31
N LEU C 154 31.92 14.19 -20.66
CA LEU C 154 30.71 14.14 -19.84
C LEU C 154 29.58 13.58 -20.69
N GLN C 155 28.78 12.68 -20.09
CA GLN C 155 27.69 12.04 -20.80
C GLN C 155 26.37 12.71 -20.40
N SER C 156 25.42 12.67 -21.33
CA SER C 156 24.13 13.32 -21.15
C SER C 156 23.06 12.54 -21.89
N GLY C 157 21.92 12.30 -21.24
CA GLY C 157 20.70 11.90 -21.92
C GLY C 157 20.61 10.38 -22.07
N ASN C 158 21.69 9.68 -21.70
CA ASN C 158 21.84 8.28 -22.04
C ASN C 158 21.99 7.47 -20.75
N SER C 159 21.52 8.03 -19.64
CA SER C 159 21.63 7.40 -18.34
C SER C 159 20.32 7.58 -17.57
N GLN C 160 19.97 6.56 -16.78
CA GLN C 160 18.92 6.68 -15.77
C GLN C 160 19.41 6.07 -14.47
N GLU C 161 18.89 6.57 -13.34
CA GLU C 161 19.22 6.00 -12.05
C GLU C 161 17.94 5.58 -11.33
N SER C 162 18.07 4.55 -10.49
CA SER C 162 17.03 4.18 -9.56
C SER C 162 17.60 4.18 -8.14
N VAL C 163 16.75 4.51 -7.17
CA VAL C 163 17.15 4.55 -5.77
C VAL C 163 16.29 3.55 -5.00
N THR C 164 16.95 2.76 -4.13
CA THR C 164 16.24 1.98 -3.12
C THR C 164 15.56 2.93 -2.14
N GLU C 165 14.43 2.48 -1.58
CA GLU C 165 13.82 3.16 -0.46
C GLU C 165 14.76 3.08 0.75
N GLN C 166 14.76 4.12 1.57
CA GLN C 166 15.59 4.16 2.76
C GLN C 166 15.55 2.79 3.44
N ASP C 167 16.71 2.36 3.94
CA ASP C 167 16.80 1.09 4.65
C ASP C 167 16.21 1.25 6.04
N SER C 168 15.55 0.18 6.52
CA SER C 168 14.70 0.27 7.69
C SER C 168 15.55 0.16 8.96
N LYS C 169 16.82 -0.19 8.78
CA LYS C 169 17.69 -0.54 9.90
C LYS C 169 18.80 0.51 10.02
N ASP C 170 19.45 0.85 8.90
CA ASP C 170 20.62 1.71 8.92
C ASP C 170 20.35 2.99 8.14
N SER C 171 19.14 3.12 7.57
CA SER C 171 18.63 4.40 7.12
C SER C 171 19.39 4.89 5.89
N THR C 172 20.00 3.95 5.15
CA THR C 172 20.83 4.31 4.02
C THR C 172 20.04 4.15 2.72
N TYR C 173 20.52 4.80 1.66
CA TYR C 173 20.05 4.55 0.31
C TYR C 173 21.14 3.85 -0.49
N SER C 174 20.73 3.10 -1.52
CA SER C 174 21.61 2.74 -2.61
C SER C 174 21.03 3.24 -3.93
N LEU C 175 21.90 3.39 -4.93
CA LEU C 175 21.51 4.02 -6.18
C LEU C 175 22.18 3.29 -7.34
N SER C 176 21.35 2.84 -8.28
CA SER C 176 21.82 2.39 -9.59
C SER C 176 21.79 3.56 -10.57
N SER C 177 22.93 3.79 -11.24
CA SER C 177 22.94 4.56 -12.48
C SER C 177 23.31 3.63 -13.63
N THR C 178 22.50 3.67 -14.70
CA THR C 178 22.74 2.83 -15.85
C THR C 178 22.94 3.71 -17.08
N LEU C 179 24.11 3.55 -17.71
CA LEU C 179 24.43 4.25 -18.95
C LEU C 179 24.20 3.31 -20.12
N THR C 180 23.30 3.71 -21.02
CA THR C 180 22.92 2.89 -22.16
C THR C 180 23.57 3.46 -23.43
N LEU C 181 24.38 2.62 -24.08
CA LEU C 181 24.87 2.90 -25.42
C LEU C 181 24.50 1.72 -26.33
N SER C 182 24.38 2.01 -27.63
CA SER C 182 24.57 1.00 -28.66
C SER C 182 25.92 0.31 -28.46
N LYS C 183 26.03 -0.92 -28.98
CA LYS C 183 27.30 -1.62 -29.02
C LYS C 183 28.27 -0.89 -29.94
N ALA C 184 27.71 -0.26 -30.98
CA ALA C 184 28.48 0.58 -31.88
C ALA C 184 29.19 1.67 -31.07
N ASP C 185 28.39 2.48 -30.35
CA ASP C 185 28.91 3.63 -29.64
C ASP C 185 29.91 3.16 -28.59
N TYR C 186 29.64 1.98 -28.02
CA TYR C 186 30.41 1.47 -26.89
C TYR C 186 31.79 1.05 -27.36
N GLU C 187 31.86 0.55 -28.60
CA GLU C 187 33.09 0.04 -29.17
C GLU C 187 34.06 1.20 -29.41
N LYS C 188 33.50 2.37 -29.76
CA LYS C 188 34.28 3.49 -30.24
C LYS C 188 35.20 3.98 -29.12
N HIS C 189 34.68 3.98 -27.89
CA HIS C 189 35.34 4.61 -26.77
C HIS C 189 35.95 3.55 -25.88
N LYS C 190 36.84 3.97 -24.97
CA LYS C 190 37.72 3.04 -24.26
C LYS C 190 37.45 3.12 -22.77
N VAL C 191 37.51 4.33 -22.21
CA VAL C 191 37.41 4.53 -20.77
C VAL C 191 35.96 4.85 -20.43
N TYR C 192 35.38 4.06 -19.52
CA TYR C 192 34.04 4.31 -19.01
C TYR C 192 34.12 4.55 -17.51
N ALA C 193 33.66 5.72 -17.07
CA ALA C 193 33.96 6.21 -15.74
C ALA C 193 32.69 6.71 -15.08
N CYS C 194 32.47 6.27 -13.84
CA CYS C 194 31.35 6.74 -13.04
C CYS C 194 31.88 7.65 -11.92
N GLU C 195 31.54 8.94 -12.01
CA GLU C 195 32.04 9.93 -11.06
C GLU C 195 30.93 10.30 -10.09
N VAL C 196 31.21 10.14 -8.80
CA VAL C 196 30.21 10.28 -7.75
C VAL C 196 30.60 11.44 -6.83
N THR C 197 29.81 12.50 -6.85
CA THR C 197 29.78 13.48 -5.76
C THR C 197 28.79 13.01 -4.70
N HIS C 198 29.23 13.06 -3.44
CA HIS C 198 28.33 12.89 -2.30
C HIS C 198 28.85 13.69 -1.11
N GLN C 199 27.94 14.02 -0.19
CA GLN C 199 28.25 14.90 0.93
C GLN C 199 29.34 14.25 1.79
N GLY C 200 29.40 12.93 1.74
CA GLY C 200 30.33 12.17 2.56
C GLY C 200 31.62 11.86 1.82
N LEU C 201 31.83 12.55 0.69
CA LEU C 201 33.08 12.50 -0.04
C LEU C 201 33.67 13.91 -0.12
N SER C 202 34.89 14.07 0.40
CA SER C 202 35.62 15.32 0.28
C SER C 202 35.77 15.70 -1.19
N SER C 203 35.90 14.68 -2.05
CA SER C 203 36.06 14.87 -3.48
C SER C 203 35.45 13.70 -4.24
N PRO C 204 35.00 13.91 -5.49
CA PRO C 204 34.42 12.84 -6.30
C PRO C 204 35.20 11.53 -6.25
N VAL C 205 34.48 10.43 -5.99
CA VAL C 205 34.97 9.09 -6.28
C VAL C 205 34.65 8.75 -7.74
N THR C 206 35.69 8.35 -8.48
CA THR C 206 35.52 7.86 -9.84
C THR C 206 35.86 6.38 -9.90
N LYS C 207 34.90 5.59 -10.40
CA LYS C 207 35.16 4.20 -10.75
C LYS C 207 35.06 4.04 -12.26
N SER C 208 36.10 3.45 -12.85
CA SER C 208 36.19 3.33 -14.30
C SER C 208 36.67 1.93 -14.67
N PHE C 209 36.48 1.58 -15.95
CA PHE C 209 37.15 0.43 -16.54
C PHE C 209 37.60 0.82 -17.94
N ASN C 210 38.54 0.04 -18.49
CA ASN C 210 38.89 0.14 -19.89
C ASN C 210 38.23 -0.99 -20.66
N ARG C 211 37.48 -0.64 -21.71
CA ARG C 211 36.73 -1.61 -22.48
C ARG C 211 37.67 -2.71 -22.95
N GLY C 212 37.44 -3.93 -22.44
CA GLY C 212 38.17 -5.10 -22.89
C GLY C 212 39.40 -5.36 -22.02
N GLU C 213 39.21 -5.32 -20.70
CA GLU C 213 40.26 -5.67 -19.75
C GLU C 213 39.65 -6.54 -18.64
N CYS C 214 40.41 -7.55 -18.22
CA CYS C 214 39.95 -8.48 -17.19
C CYS C 214 40.19 -7.88 -15.80
#